data_6UV4
#
_entry.id   6UV4
#
_cell.length_a   62.504
_cell.length_b   62.504
_cell.length_c   231.196
_cell.angle_alpha   90.000
_cell.angle_beta   90.000
_cell.angle_gamma   90.000
#
_symmetry.space_group_name_H-M   'P 41 2 2'
#
loop_
_entity.id
_entity.type
_entity.pdbx_description
1 polymer 'Probable ATP-dependent RNA helicase DDX17'
2 polymer 18a_oligo1
3 non-polymer "ADENOSINE-5'-DIPHOSPHATE"
4 non-polymer 'BERYLLIUM TRIFLUORIDE ION'
5 non-polymer 'MAGNESIUM ION'
6 water water
#
loop_
_entity_poly.entity_id
_entity_poly.type
_entity_poly.pdbx_seq_one_letter_code
_entity_poly.pdbx_strand_id
1 'polypeptide(L)'
;SGGNPGERLRKKKWDLSELPKFEKNFYVEHPEVARLTPYEVDELRRKKEITVRGGDVCPKPVFAFHHANFPQYVMDVLMD
QHFTEPTPIQCQGFPLALSGRDMVGIAQTGSGKTLAYLLPAIVHINHQPYLERGDGPICLVLAPTRELAQQVQQVADDYG
KCSRLKSTCIYGGAPKGPQIRDLERGVEICIATPGRLIDFLESGKTNLRRCTYLVLDEADRMLDMGFEPQIRKIVDQIRP
DRQTLMWSATWPKEVRQLAEDFLRDYTQINVGNLELSANHNILQIVDVCMESEKDHKLIQLMEEIMAEKENKTIIFVETK
RRCDDLTRRMRRDGWPAMCIHGDKSQPERDWVLNEFRSGKAPILIATDVASRGLDVEDVKFVINYDYPNSSEDYVHRIGR
TARSTNKGTAYTFFTPGNLKQARELIKVLEEANQAINPKLMQLVDHRG
;
A
2 'polyribonucleotide' AUUCAUCCAA C
#
loop_
_chem_comp.id
_chem_comp.type
_chem_comp.name
_chem_comp.formula
A RNA linking ADENOSINE-5'-MONOPHOSPHATE 'C10 H14 N5 O7 P'
ADP non-polymer ADENOSINE-5'-DIPHOSPHATE 'C10 H15 N5 O10 P2'
BEF non-polymer 'BERYLLIUM TRIFLUORIDE ION' 'Be F3 -1'
C RNA linking CYTIDINE-5'-MONOPHOSPHATE 'C9 H14 N3 O8 P'
MG non-polymer 'MAGNESIUM ION' 'Mg 2'
U RNA linking URIDINE-5'-MONOPHOSPHATE 'C9 H13 N2 O9 P'
#
# COMPACT_ATOMS: atom_id res chain seq x y z
N GLU A 18 -21.20 -27.76 5.56
CA GLU A 18 -21.83 -27.94 4.26
C GLU A 18 -21.22 -27.02 3.20
N LEU A 19 -20.02 -26.53 3.48
CA LEU A 19 -19.26 -25.73 2.53
C LEU A 19 -18.23 -26.59 1.81
N PRO A 20 -17.90 -26.19 0.59
CA PRO A 20 -16.90 -26.90 -0.18
C PRO A 20 -15.54 -26.86 0.52
N LYS A 21 -14.85 -27.99 0.55
CA LYS A 21 -13.52 -28.04 1.12
C LYS A 21 -12.51 -27.37 0.20
N PHE A 22 -11.42 -26.88 0.77
CA PHE A 22 -10.38 -26.26 -0.05
C PHE A 22 -9.05 -26.27 0.69
N GLU A 23 -7.98 -26.16 -0.10
CA GLU A 23 -6.61 -26.09 0.39
C GLU A 23 -6.08 -24.66 0.30
N LYS A 24 -5.23 -24.30 1.25
CA LYS A 24 -4.51 -23.03 1.18
C LYS A 24 -3.02 -23.13 1.46
N ASN A 25 -2.50 -24.28 1.86
CA ASN A 25 -1.07 -24.46 2.06
C ASN A 25 -0.47 -25.08 0.79
N PHE A 26 0.30 -24.27 0.05
CA PHE A 26 0.93 -24.71 -1.19
C PHE A 26 2.44 -24.56 -1.12
N TYR A 27 2.99 -24.68 0.08
CA TYR A 27 4.38 -24.34 0.32
C TYR A 27 5.18 -25.54 0.79
N VAL A 28 6.28 -25.80 0.09
CA VAL A 28 7.34 -26.69 0.53
C VAL A 28 8.66 -25.91 0.52
N GLU A 29 9.42 -26.00 1.61
CA GLU A 29 10.72 -25.32 1.64
C GLU A 29 11.61 -25.83 0.52
N HIS A 30 12.24 -24.91 -0.20
CA HIS A 30 13.31 -25.27 -1.13
C HIS A 30 14.47 -25.87 -0.33
N PRO A 31 15.21 -26.81 -0.90
CA PRO A 31 16.34 -27.40 -0.14
C PRO A 31 17.32 -26.39 0.42
N GLU A 32 17.56 -25.27 -0.29
CA GLU A 32 18.50 -24.28 0.25
C GLU A 32 17.98 -23.59 1.50
N VAL A 33 16.66 -23.48 1.63
CA VAL A 33 16.04 -22.95 2.84
C VAL A 33 15.91 -24.04 3.89
N ALA A 34 15.55 -25.25 3.46
CA ALA A 34 15.37 -26.35 4.41
C ALA A 34 16.63 -26.58 5.23
N ARG A 35 17.79 -26.42 4.60
CA ARG A 35 19.05 -26.78 5.24
C ARG A 35 19.69 -25.62 5.98
N LEU A 36 19.02 -24.46 6.06
CA LEU A 36 19.48 -23.40 6.93
C LEU A 36 19.45 -23.85 8.39
N THR A 37 20.54 -23.61 9.11
CA THR A 37 20.56 -23.89 10.53
C THR A 37 19.74 -22.85 11.29
N PRO A 38 19.34 -23.16 12.52
CA PRO A 38 18.68 -22.13 13.34
C PRO A 38 19.49 -20.85 13.47
N TYR A 39 20.83 -20.95 13.54
CA TYR A 39 21.64 -19.74 13.60
C TYR A 39 21.58 -18.96 12.30
N GLU A 40 21.65 -19.65 11.17
CA GLU A 40 21.58 -18.97 9.87
C GLU A 40 20.22 -18.32 9.66
N VAL A 41 19.14 -18.95 10.14
CA VAL A 41 17.83 -18.34 10.04
C VAL A 41 17.77 -17.07 10.89
N ASP A 42 18.31 -17.14 12.11
CA ASP A 42 18.32 -15.96 12.97
C ASP A 42 19.14 -14.84 12.34
N GLU A 43 20.30 -15.17 11.76
CA GLU A 43 21.13 -14.14 11.13
C GLU A 43 20.47 -13.55 9.90
N LEU A 44 19.71 -14.37 9.16
CA LEU A 44 18.95 -13.87 8.02
C LEU A 44 17.91 -12.85 8.47
N ARG A 45 17.16 -13.18 9.52
CA ARG A 45 16.19 -12.24 10.04
C ARG A 45 16.87 -11.01 10.63
N ARG A 46 17.99 -11.20 11.33
CA ARG A 46 18.70 -10.07 11.90
C ARG A 46 19.15 -9.10 10.81
N LYS A 47 19.74 -9.64 9.74
CA LYS A 47 20.30 -8.77 8.71
C LYS A 47 19.22 -8.07 7.91
N LYS A 48 18.08 -8.72 7.68
CA LYS A 48 16.97 -8.11 6.97
C LYS A 48 16.02 -7.38 7.90
N GLU A 49 16.30 -7.38 9.21
CA GLU A 49 15.51 -6.68 10.23
C GLU A 49 14.06 -7.19 10.27
N ILE A 50 13.91 -8.49 10.17
CA ILE A 50 12.61 -9.16 10.21
C ILE A 50 12.31 -9.60 11.64
N THR A 51 11.13 -9.24 12.15
CA THR A 51 10.61 -9.74 13.41
C THR A 51 9.34 -10.52 13.11
N VAL A 52 9.19 -11.70 13.71
CA VAL A 52 7.94 -12.45 13.57
C VAL A 52 7.35 -12.70 14.95
N ARG A 53 6.03 -12.55 15.07
CA ARG A 53 5.32 -12.79 16.31
C ARG A 53 4.07 -13.63 16.02
N GLY A 54 3.75 -14.53 16.94
CA GLY A 54 2.60 -15.38 16.73
C GLY A 54 2.72 -16.67 17.53
N GLY A 55 1.64 -17.44 17.50
CA GLY A 55 1.54 -18.63 18.31
C GLY A 55 2.12 -19.89 17.68
N ASP A 56 2.05 -19.99 16.36
CA ASP A 56 2.59 -21.15 15.68
C ASP A 56 3.97 -20.83 15.14
N VAL A 57 4.81 -21.86 15.02
CA VAL A 57 6.15 -21.67 14.48
C VAL A 57 6.03 -21.03 13.11
N CYS A 58 6.84 -20.02 12.87
CA CYS A 58 6.78 -19.31 11.61
C CYS A 58 7.71 -19.99 10.60
N PRO A 59 7.31 -20.14 9.33
CA PRO A 59 8.25 -20.68 8.34
C PRO A 59 9.50 -19.84 8.26
N LYS A 60 10.61 -20.48 7.87
CA LYS A 60 11.85 -19.74 7.66
C LYS A 60 11.65 -18.71 6.55
N PRO A 61 12.37 -17.59 6.60
CA PRO A 61 12.36 -16.68 5.44
C PRO A 61 13.07 -17.32 4.26
N VAL A 62 12.65 -16.94 3.06
CA VAL A 62 13.41 -17.29 1.86
C VAL A 62 14.41 -16.17 1.59
N PHE A 63 15.28 -16.35 0.60
CA PHE A 63 16.20 -15.27 0.29
C PHE A 63 16.45 -15.14 -1.20
N ALA A 64 15.76 -15.93 -2.04
CA ALA A 64 15.80 -15.79 -3.49
C ALA A 64 14.43 -16.08 -4.03
N PHE A 65 14.10 -15.49 -5.18
CA PHE A 65 12.76 -15.69 -5.73
C PHE A 65 12.51 -17.16 -6.07
N HIS A 66 13.54 -17.87 -6.52
CA HIS A 66 13.31 -19.25 -6.93
C HIS A 66 12.99 -20.17 -5.76
N HIS A 67 13.21 -19.71 -4.52
CA HIS A 67 12.79 -20.48 -3.35
C HIS A 67 11.28 -20.61 -3.23
N ALA A 68 10.52 -19.75 -3.90
CA ALA A 68 9.07 -19.77 -3.73
C ALA A 68 8.36 -20.70 -4.70
N ASN A 69 9.05 -21.22 -5.70
CA ASN A 69 8.45 -22.12 -6.70
C ASN A 69 7.23 -21.49 -7.37
N PHE A 70 7.34 -20.21 -7.71
CA PHE A 70 6.33 -19.55 -8.52
C PHE A 70 6.29 -20.16 -9.92
N PRO A 71 5.15 -20.05 -10.61
CA PRO A 71 5.11 -20.48 -12.01
C PRO A 71 6.13 -19.72 -12.86
N GLN A 72 6.55 -20.35 -13.96
CA GLN A 72 7.61 -19.77 -14.77
C GLN A 72 7.23 -18.41 -15.33
N TYR A 73 5.97 -18.19 -15.67
CA TYR A 73 5.60 -16.88 -16.22
C TYR A 73 5.75 -15.78 -15.19
N VAL A 74 5.54 -16.08 -13.90
CA VAL A 74 5.80 -15.09 -12.86
C VAL A 74 7.29 -14.80 -12.75
N MET A 75 8.12 -15.85 -12.78
CA MET A 75 9.57 -15.65 -12.70
C MET A 75 10.07 -14.79 -13.86
N ASP A 76 9.49 -14.97 -15.06
CA ASP A 76 9.91 -14.18 -16.21
C ASP A 76 9.63 -12.71 -16.02
N VAL A 77 8.45 -12.36 -15.47
CA VAL A 77 8.17 -10.95 -15.21
C VAL A 77 9.11 -10.41 -14.15
N LEU A 78 9.33 -11.18 -13.08
CA LEU A 78 10.24 -10.75 -12.03
C LEU A 78 11.64 -10.54 -12.58
N MET A 79 12.15 -11.53 -13.31
CA MET A 79 13.50 -11.43 -13.85
C MET A 79 13.61 -10.30 -14.85
N ASP A 80 12.50 -9.97 -15.52
CA ASP A 80 12.46 -8.73 -16.26
C ASP A 80 12.79 -7.55 -15.35
N GLN A 81 12.02 -7.38 -14.28
CA GLN A 81 12.06 -6.17 -13.45
C GLN A 81 13.44 -5.79 -12.94
N HIS A 82 14.41 -6.67 -13.09
CA HIS A 82 15.76 -6.48 -12.55
C HIS A 82 15.77 -6.34 -11.04
N PHE A 83 14.74 -6.86 -10.38
CA PHE A 83 14.87 -7.18 -8.97
C PHE A 83 15.98 -8.20 -8.81
N THR A 84 16.94 -7.92 -7.92
CA THR A 84 17.99 -8.90 -7.69
C THR A 84 17.66 -9.89 -6.58
N GLU A 85 16.72 -9.56 -5.71
CA GLU A 85 16.37 -10.40 -4.58
C GLU A 85 15.00 -9.98 -4.07
N PRO A 86 14.30 -10.85 -3.35
CA PRO A 86 13.08 -10.39 -2.66
C PRO A 86 13.44 -9.36 -1.60
N THR A 87 12.54 -8.40 -1.40
CA THR A 87 12.67 -7.47 -0.28
C THR A 87 12.45 -8.21 1.04
N PRO A 88 12.79 -7.58 2.18
CA PRO A 88 12.59 -8.28 3.46
C PRO A 88 11.15 -8.73 3.68
N ILE A 89 10.17 -7.89 3.37
CA ILE A 89 8.79 -8.32 3.61
C ILE A 89 8.43 -9.47 2.68
N GLN A 90 9.03 -9.53 1.49
CA GLN A 90 8.78 -10.67 0.59
C GLN A 90 9.49 -11.90 1.10
N CYS A 91 10.71 -11.74 1.61
CA CYS A 91 11.47 -12.88 2.12
C CYS A 91 10.69 -13.62 3.19
N GLN A 92 10.06 -12.89 4.12
CA GLN A 92 9.27 -13.58 5.14
C GLN A 92 7.81 -13.74 4.77
N GLY A 93 7.28 -12.81 3.97
CA GLY A 93 5.87 -12.85 3.64
C GLY A 93 5.52 -13.93 2.64
N PHE A 94 6.38 -14.15 1.63
CA PHE A 94 6.11 -15.20 0.65
C PHE A 94 5.83 -16.54 1.34
N PRO A 95 6.76 -17.09 2.16
CA PRO A 95 6.49 -18.42 2.70
C PRO A 95 5.32 -18.46 3.69
N LEU A 96 5.08 -17.37 4.42
CA LEU A 96 3.89 -17.33 5.29
C LEU A 96 2.62 -17.37 4.46
N ALA A 97 2.55 -16.55 3.41
CA ALA A 97 1.33 -16.49 2.61
C ALA A 97 1.14 -17.76 1.80
N LEU A 98 2.22 -18.27 1.20
CA LEU A 98 2.13 -19.52 0.44
C LEU A 98 1.79 -20.70 1.32
N SER A 99 2.09 -20.63 2.62
CA SER A 99 1.73 -21.67 3.58
C SER A 99 0.27 -21.60 4.02
N GLY A 100 -0.48 -20.61 3.53
CA GLY A 100 -1.87 -20.49 3.89
C GLY A 100 -2.15 -19.82 5.21
N ARG A 101 -1.16 -19.16 5.82
CA ARG A 101 -1.34 -18.58 7.14
C ARG A 101 -2.03 -17.23 7.09
N ASP A 102 -2.87 -16.97 8.08
CA ASP A 102 -3.32 -15.59 8.29
C ASP A 102 -2.13 -14.76 8.75
N MET A 103 -2.07 -13.51 8.31
CA MET A 103 -0.90 -12.73 8.66
C MET A 103 -1.19 -11.25 8.59
N VAL A 104 -0.39 -10.51 9.36
CA VAL A 104 -0.28 -9.06 9.28
C VAL A 104 1.15 -8.76 8.88
N GLY A 105 1.33 -8.03 7.78
CA GLY A 105 2.66 -7.71 7.32
C GLY A 105 2.91 -6.21 7.36
N ILE A 106 3.82 -5.78 8.23
CA ILE A 106 4.13 -4.37 8.42
C ILE A 106 5.55 -4.15 7.94
N ALA A 107 5.70 -3.30 6.92
CA ALA A 107 7.00 -3.02 6.33
C ALA A 107 6.96 -1.64 5.69
N GLN A 108 8.15 -1.09 5.50
CA GLN A 108 8.29 0.30 5.08
C GLN A 108 7.59 0.57 3.76
N THR A 109 7.15 1.82 3.59
CA THR A 109 6.61 2.25 2.30
C THR A 109 7.60 1.93 1.18
N GLY A 110 7.06 1.52 0.04
CA GLY A 110 7.88 1.31 -1.13
C GLY A 110 8.75 0.08 -1.07
N SER A 111 8.44 -0.88 -0.20
CA SER A 111 9.31 -2.04 0.01
C SER A 111 8.73 -3.34 -0.57
N GLY A 112 7.73 -3.25 -1.44
CA GLY A 112 7.27 -4.42 -2.18
C GLY A 112 6.15 -5.21 -1.53
N LYS A 113 5.33 -4.58 -0.70
CA LYS A 113 4.24 -5.33 -0.09
C LYS A 113 3.22 -5.85 -1.11
N THR A 114 3.03 -5.13 -2.24
CA THR A 114 2.00 -5.56 -3.19
C THR A 114 2.30 -6.95 -3.74
N LEU A 115 3.53 -7.18 -4.21
CA LEU A 115 3.85 -8.51 -4.74
C LEU A 115 3.90 -9.56 -3.64
N ALA A 116 4.19 -9.15 -2.39
CA ALA A 116 4.15 -10.09 -1.28
C ALA A 116 2.78 -10.72 -1.10
N TYR A 117 1.70 -10.00 -1.44
CA TYR A 117 0.41 -10.69 -1.38
C TYR A 117 -0.13 -11.10 -2.74
N LEU A 118 0.25 -10.44 -3.83
CA LEU A 118 -0.32 -10.81 -5.13
C LEU A 118 0.27 -12.12 -5.65
N LEU A 119 1.58 -12.32 -5.50
CA LEU A 119 2.12 -13.55 -6.10
C LEU A 119 1.60 -14.79 -5.38
N PRO A 120 1.50 -14.82 -4.05
CA PRO A 120 0.87 -15.98 -3.41
C PRO A 120 -0.61 -16.08 -3.74
N ALA A 121 -1.29 -14.97 -4.07
CA ALA A 121 -2.67 -15.06 -4.53
C ALA A 121 -2.75 -15.84 -5.84
N ILE A 122 -1.85 -15.56 -6.78
CA ILE A 122 -1.80 -16.31 -8.03
C ILE A 122 -1.60 -17.80 -7.76
N VAL A 123 -0.67 -18.13 -6.86
CA VAL A 123 -0.44 -19.54 -6.52
C VAL A 123 -1.70 -20.15 -5.91
N HIS A 124 -2.34 -19.42 -5.00
CA HIS A 124 -3.58 -19.89 -4.39
C HIS A 124 -4.64 -20.16 -5.45
N ILE A 125 -4.84 -19.20 -6.36
CA ILE A 125 -5.86 -19.35 -7.39
C ILE A 125 -5.56 -20.55 -8.27
N ASN A 126 -4.29 -20.70 -8.68
CA ASN A 126 -3.91 -21.76 -9.61
C ASN A 126 -4.22 -23.15 -9.07
N HIS A 127 -4.36 -23.30 -7.75
CA HIS A 127 -4.62 -24.61 -7.16
C HIS A 127 -6.09 -24.83 -6.84
N GLN A 128 -6.95 -23.86 -7.14
CA GLN A 128 -8.37 -24.03 -6.85
C GLN A 128 -9.10 -24.56 -8.07
N PRO A 129 -10.25 -25.19 -7.89
CA PRO A 129 -11.08 -25.58 -9.03
C PRO A 129 -11.41 -24.37 -9.91
N TYR A 130 -11.52 -24.61 -11.21
CA TYR A 130 -11.86 -23.57 -12.18
C TYR A 130 -13.12 -22.80 -11.81
N LEU A 131 -13.23 -21.57 -12.28
CA LEU A 131 -14.45 -20.79 -12.09
C LEU A 131 -15.56 -21.32 -13.00
N GLU A 132 -16.72 -21.58 -12.42
CA GLU A 132 -17.91 -21.87 -13.20
C GLU A 132 -18.77 -20.61 -13.26
N ARG A 133 -19.50 -20.47 -14.37
CA ARG A 133 -20.32 -19.27 -14.56
C ARG A 133 -21.22 -19.06 -13.35
N GLY A 134 -21.27 -17.82 -12.86
CA GLY A 134 -21.96 -17.48 -11.64
C GLY A 134 -21.07 -17.45 -10.41
N ASP A 135 -19.88 -18.04 -10.48
CA ASP A 135 -18.96 -17.99 -9.35
C ASP A 135 -18.42 -16.58 -9.16
N GLY A 136 -18.28 -16.17 -7.90
CA GLY A 136 -17.60 -14.94 -7.56
C GLY A 136 -16.10 -15.13 -7.50
N PRO A 137 -15.38 -14.13 -7.02
CA PRO A 137 -13.91 -14.19 -7.04
C PRO A 137 -13.34 -15.13 -5.99
N ILE A 138 -12.17 -15.67 -6.31
CA ILE A 138 -11.42 -16.48 -5.36
C ILE A 138 -10.62 -15.62 -4.42
N CYS A 139 -9.97 -14.60 -4.96
CA CYS A 139 -9.16 -13.65 -4.19
CA CYS A 139 -9.18 -13.65 -4.18
C CYS A 139 -9.85 -12.30 -4.22
N LEU A 140 -9.96 -11.68 -3.04
CA LEU A 140 -10.47 -10.32 -2.93
C LEU A 140 -9.41 -9.46 -2.27
N VAL A 141 -9.06 -8.35 -2.90
CA VAL A 141 -8.17 -7.35 -2.31
C VAL A 141 -8.96 -6.05 -2.13
N LEU A 142 -8.97 -5.54 -0.90
CA LEU A 142 -9.65 -4.28 -0.57
C LEU A 142 -8.62 -3.19 -0.35
N ALA A 143 -8.93 -2.00 -0.86
CA ALA A 143 -8.03 -0.85 -0.79
C ALA A 143 -8.84 0.41 -0.46
N PRO A 144 -8.20 1.41 0.14
CA PRO A 144 -8.97 2.58 0.62
C PRO A 144 -9.25 3.64 -0.43
N THR A 145 -8.59 3.61 -1.59
CA THR A 145 -8.86 4.63 -2.60
C THR A 145 -8.96 4.00 -3.98
N ARG A 146 -9.70 4.67 -4.84
CA ARG A 146 -9.95 4.14 -6.17
C ARG A 146 -8.66 4.01 -6.97
N GLU A 147 -7.79 5.03 -6.94
CA GLU A 147 -6.57 4.96 -7.75
C GLU A 147 -5.65 3.84 -7.27
N LEU A 148 -5.63 3.58 -5.96
CA LEU A 148 -4.81 2.49 -5.45
C LEU A 148 -5.37 1.15 -5.91
N ALA A 149 -6.70 0.98 -5.87
CA ALA A 149 -7.28 -0.24 -6.38
C ALA A 149 -6.90 -0.47 -7.84
N GLN A 150 -6.97 0.59 -8.64
CA GLN A 150 -6.64 0.47 -10.06
C GLN A 150 -5.18 0.11 -10.24
N GLN A 151 -4.30 0.70 -9.44
CA GLN A 151 -2.88 0.39 -9.51
C GLN A 151 -2.61 -1.08 -9.20
N VAL A 152 -3.23 -1.60 -8.12
CA VAL A 152 -3.02 -2.99 -7.75
C VAL A 152 -3.52 -3.92 -8.85
N GLN A 153 -4.67 -3.59 -9.46
CA GLN A 153 -5.14 -4.43 -10.55
C GLN A 153 -4.13 -4.44 -11.69
N GLN A 154 -3.52 -3.29 -11.98
CA GLN A 154 -2.54 -3.22 -13.07
C GLN A 154 -1.32 -4.08 -12.77
N VAL A 155 -0.87 -4.13 -11.51
CA VAL A 155 0.24 -5.02 -11.16
C VAL A 155 -0.18 -6.47 -11.34
N ALA A 156 -1.36 -6.83 -10.86
CA ALA A 156 -1.84 -8.21 -10.99
C ALA A 156 -1.87 -8.63 -12.45
N ASP A 157 -2.34 -7.73 -13.32
CA ASP A 157 -2.42 -8.06 -14.73
C ASP A 157 -1.04 -8.18 -15.38
N ASP A 158 -0.05 -7.44 -14.87
CA ASP A 158 1.30 -7.56 -15.41
C ASP A 158 1.84 -8.96 -15.17
N TYR A 159 1.57 -9.51 -13.99
CA TYR A 159 2.14 -10.80 -13.63
C TYR A 159 1.28 -11.97 -14.09
N GLY A 160 0.00 -11.74 -14.38
CA GLY A 160 -0.83 -12.80 -14.90
C GLY A 160 -1.12 -12.66 -16.39
N LYS A 161 -0.29 -11.89 -17.08
CA LYS A 161 -0.53 -11.61 -18.50
C LYS A 161 -0.50 -12.88 -19.33
N CYS A 162 0.53 -13.68 -19.16
CA CYS A 162 0.70 -14.93 -19.90
C CYS A 162 0.00 -16.10 -19.22
N SER A 163 -0.94 -15.84 -18.32
CA SER A 163 -1.79 -16.85 -17.75
C SER A 163 -3.24 -16.59 -18.18
N ARG A 164 -4.14 -17.47 -17.76
CA ARG A 164 -5.55 -17.30 -18.07
C ARG A 164 -6.30 -16.62 -16.93
N LEU A 165 -5.57 -15.96 -16.05
CA LEU A 165 -6.15 -15.30 -14.88
C LEU A 165 -6.93 -14.06 -15.29
N LYS A 166 -8.16 -13.97 -14.81
CA LYS A 166 -9.02 -12.83 -15.08
C LYS A 166 -9.16 -11.99 -13.81
N SER A 167 -8.98 -10.67 -13.96
CA SER A 167 -9.10 -9.74 -12.86
C SER A 167 -10.15 -8.69 -13.20
N THR A 168 -10.60 -7.97 -12.18
CA THR A 168 -11.34 -6.74 -12.40
C THR A 168 -11.08 -5.80 -11.25
N CYS A 169 -11.42 -4.54 -11.46
CA CYS A 169 -11.32 -3.52 -10.43
C CYS A 169 -12.73 -2.99 -10.20
N ILE A 170 -13.20 -3.11 -8.96
CA ILE A 170 -14.55 -2.72 -8.60
C ILE A 170 -14.42 -1.45 -7.76
N TYR A 171 -14.82 -0.32 -8.31
CA TYR A 171 -14.61 0.95 -7.62
C TYR A 171 -15.65 1.98 -8.08
N GLY A 172 -15.89 2.96 -7.21
CA GLY A 172 -16.87 3.98 -7.51
C GLY A 172 -16.39 5.01 -8.53
N GLY A 173 -17.35 5.73 -9.10
CA GLY A 173 -17.09 6.80 -10.04
C GLY A 173 -16.92 6.36 -11.48
N ALA A 174 -16.93 5.07 -11.75
CA ALA A 174 -16.84 4.50 -13.08
C ALA A 174 -18.14 3.79 -13.43
N PRO A 175 -18.46 3.66 -14.72
CA PRO A 175 -19.72 3.04 -15.11
C PRO A 175 -19.84 1.61 -14.58
N LYS A 176 -21.05 1.25 -14.15
CA LYS A 176 -21.24 -0.08 -13.58
C LYS A 176 -21.21 -1.17 -14.62
N GLY A 177 -21.69 -0.89 -15.83
CA GLY A 177 -21.86 -1.89 -16.86
C GLY A 177 -20.66 -2.78 -17.08
N PRO A 178 -19.51 -2.19 -17.39
CA PRO A 178 -18.31 -3.00 -17.65
C PRO A 178 -17.86 -3.79 -16.43
N GLN A 179 -18.01 -3.21 -15.24
CA GLN A 179 -17.72 -3.95 -14.01
C GLN A 179 -18.67 -5.13 -13.85
N ILE A 180 -19.96 -4.90 -14.10
CA ILE A 180 -20.93 -5.99 -13.97
C ILE A 180 -20.62 -7.09 -14.97
N ARG A 181 -20.24 -6.72 -16.19
CA ARG A 181 -19.95 -7.73 -17.20
C ARG A 181 -18.73 -8.55 -16.83
N ASP A 182 -17.70 -7.91 -16.25
CA ASP A 182 -16.55 -8.64 -15.74
C ASP A 182 -16.97 -9.65 -14.68
N LEU A 183 -17.82 -9.22 -13.75
CA LEU A 183 -18.21 -10.12 -12.66
C LEU A 183 -19.06 -11.26 -13.18
N GLU A 184 -19.92 -11.00 -14.17
CA GLU A 184 -20.77 -12.05 -14.76
C GLU A 184 -19.95 -13.05 -15.57
N ARG A 185 -18.95 -12.57 -16.31
CA ARG A 185 -18.10 -13.48 -17.07
C ARG A 185 -17.24 -14.33 -16.16
N GLY A 186 -16.90 -13.83 -14.98
CA GLY A 186 -16.11 -14.56 -14.03
C GLY A 186 -14.72 -13.99 -13.89
N VAL A 187 -14.35 -13.61 -12.68
CA VAL A 187 -12.99 -13.15 -12.39
C VAL A 187 -12.46 -13.97 -11.22
N GLU A 188 -11.18 -14.33 -11.30
CA GLU A 188 -10.56 -15.04 -10.22
C GLU A 188 -10.09 -14.08 -9.13
N ILE A 189 -9.69 -12.86 -9.50
CA ILE A 189 -9.20 -11.89 -8.53
C ILE A 189 -9.97 -10.60 -8.71
N CYS A 190 -10.45 -10.04 -7.62
CA CYS A 190 -11.20 -8.80 -7.64
C CYS A 190 -10.48 -7.84 -6.71
N ILE A 191 -10.09 -6.67 -7.24
CA ILE A 191 -9.53 -5.58 -6.45
C ILE A 191 -10.64 -4.55 -6.29
N ALA A 192 -10.90 -4.11 -5.07
CA ALA A 192 -12.10 -3.30 -4.86
C ALA A 192 -11.90 -2.22 -3.81
N THR A 193 -12.59 -1.09 -4.01
CA THR A 193 -12.89 -0.22 -2.88
C THR A 193 -14.24 -0.65 -2.29
N PRO A 194 -14.49 -0.37 -1.00
CA PRO A 194 -15.60 -1.07 -0.34
C PRO A 194 -16.99 -0.62 -0.78
N GLY A 195 -17.20 0.66 -1.06
CA GLY A 195 -18.55 1.13 -1.37
C GLY A 195 -19.16 0.44 -2.58
N ARG A 196 -18.45 0.47 -3.71
CA ARG A 196 -18.98 -0.15 -4.92
C ARG A 196 -19.14 -1.66 -4.75
N LEU A 197 -18.23 -2.30 -4.02
CA LEU A 197 -18.38 -3.75 -3.79
C LEU A 197 -19.64 -4.05 -2.98
N ILE A 198 -19.90 -3.28 -1.92
CA ILE A 198 -21.10 -3.50 -1.12
C ILE A 198 -22.36 -3.32 -1.98
N ASP A 199 -22.37 -2.29 -2.82
CA ASP A 199 -23.43 -2.07 -3.80
C ASP A 199 -23.70 -3.32 -4.63
N PHE A 200 -22.66 -3.88 -5.24
CA PHE A 200 -22.83 -5.05 -6.08
C PHE A 200 -23.22 -6.29 -5.27
N LEU A 201 -22.71 -6.42 -4.04
CA LEU A 201 -23.07 -7.58 -3.24
C LEU A 201 -24.54 -7.53 -2.85
N GLU A 202 -25.04 -6.33 -2.54
CA GLU A 202 -26.43 -6.15 -2.14
C GLU A 202 -27.39 -6.53 -3.26
N SER A 203 -27.05 -6.17 -4.49
CA SER A 203 -27.92 -6.43 -5.62
C SER A 203 -27.60 -7.74 -6.33
N GLY A 204 -26.66 -8.52 -5.80
CA GLY A 204 -26.36 -9.80 -6.40
C GLY A 204 -25.64 -9.78 -7.72
N LYS A 205 -24.85 -8.73 -7.99
CA LYS A 205 -24.01 -8.71 -9.18
C LYS A 205 -22.75 -9.54 -9.00
N THR A 206 -22.38 -9.83 -7.76
CA THR A 206 -21.35 -10.80 -7.45
C THR A 206 -21.64 -11.36 -6.07
N ASN A 207 -20.80 -12.28 -5.63
CA ASN A 207 -20.95 -12.91 -4.33
C ASN A 207 -19.57 -13.39 -3.90
N LEU A 208 -19.45 -13.73 -2.62
CA LEU A 208 -18.17 -14.09 -2.03
C LEU A 208 -18.13 -15.55 -1.57
N ARG A 209 -18.99 -16.38 -2.14
CA ARG A 209 -19.05 -17.80 -1.78
C ARG A 209 -17.80 -18.58 -2.18
N ARG A 210 -17.03 -18.09 -3.15
CA ARG A 210 -15.77 -18.75 -3.50
C ARG A 210 -14.53 -18.02 -2.97
N CYS A 211 -14.72 -16.95 -2.21
CA CYS A 211 -13.59 -16.16 -1.74
C CYS A 211 -12.89 -16.89 -0.59
N THR A 212 -11.65 -17.31 -0.82
CA THR A 212 -10.87 -18.00 0.19
C THR A 212 -9.56 -17.30 0.48
N TYR A 213 -9.25 -16.19 -0.19
CA TYR A 213 -8.01 -15.46 0.00
C TYR A 213 -8.38 -13.98 0.03
N LEU A 214 -8.33 -13.38 1.21
CA LEU A 214 -8.77 -12.01 1.42
C LEU A 214 -7.58 -11.17 1.85
N VAL A 215 -7.34 -10.08 1.12
CA VAL A 215 -6.26 -9.14 1.43
C VAL A 215 -6.87 -7.80 1.81
N LEU A 216 -6.48 -7.27 2.95
CA LEU A 216 -6.74 -5.88 3.30
C LEU A 216 -5.44 -5.12 3.11
N ASP A 217 -5.34 -4.35 2.03
CA ASP A 217 -4.19 -3.49 1.86
C ASP A 217 -4.47 -2.18 2.59
N GLU A 218 -3.40 -1.53 3.05
CA GLU A 218 -3.52 -0.35 3.90
C GLU A 218 -4.47 -0.65 5.05
N ALA A 219 -4.19 -1.76 5.74
CA ALA A 219 -5.20 -2.36 6.61
C ALA A 219 -5.55 -1.46 7.77
N ASP A 220 -4.60 -0.68 8.30
CA ASP A 220 -4.95 0.18 9.42
C ASP A 220 -5.90 1.31 9.00
N ARG A 221 -5.78 1.79 7.76
CA ARG A 221 -6.75 2.75 7.25
C ARG A 221 -8.12 2.11 7.10
N MET A 222 -8.15 0.86 6.62
CA MET A 222 -9.38 0.13 6.40
C MET A 222 -10.10 -0.22 7.70
N LEU A 223 -9.38 -0.21 8.81
CA LEU A 223 -9.98 -0.47 10.12
C LEU A 223 -10.24 0.81 10.91
N ASP A 224 -10.15 1.98 10.29
CA ASP A 224 -10.45 3.20 11.02
C ASP A 224 -11.97 3.40 11.12
N MET A 225 -12.37 4.47 11.79
CA MET A 225 -13.79 4.62 12.15
C MET A 225 -14.67 4.74 10.92
N GLY A 226 -14.17 5.31 9.82
CA GLY A 226 -14.98 5.45 8.63
C GLY A 226 -15.10 4.18 7.81
N PHE A 227 -14.05 3.36 7.78
CA PHE A 227 -14.05 2.19 6.94
C PHE A 227 -14.49 0.91 7.65
N GLU A 228 -14.27 0.82 8.96
CA GLU A 228 -14.45 -0.45 9.65
C GLU A 228 -15.85 -1.02 9.48
N PRO A 229 -16.94 -0.24 9.56
CA PRO A 229 -18.26 -0.85 9.31
C PRO A 229 -18.42 -1.35 7.89
N GLN A 230 -17.81 -0.70 6.91
CA GLN A 230 -17.88 -1.21 5.54
C GLN A 230 -17.10 -2.52 5.41
N ILE A 231 -15.90 -2.58 6.01
CA ILE A 231 -15.11 -3.80 5.96
C ILE A 231 -15.83 -4.93 6.68
N ARG A 232 -16.44 -4.63 7.83
CA ARG A 232 -17.19 -5.67 8.55
C ARG A 232 -18.35 -6.20 7.71
N LYS A 233 -19.07 -5.31 7.03
CA LYS A 233 -20.18 -5.74 6.19
C LYS A 233 -19.72 -6.69 5.09
N ILE A 234 -18.55 -6.43 4.51
CA ILE A 234 -18.03 -7.27 3.44
C ILE A 234 -17.53 -8.59 4.00
N VAL A 235 -16.69 -8.52 5.05
CA VAL A 235 -15.97 -9.70 5.50
C VAL A 235 -16.92 -10.67 6.21
N ASP A 236 -18.02 -10.13 6.76
CA ASP A 236 -19.08 -10.99 7.31
C ASP A 236 -19.66 -11.94 6.26
N GLN A 237 -19.51 -11.64 4.98
CA GLN A 237 -20.01 -12.50 3.92
C GLN A 237 -18.99 -13.52 3.42
N ILE A 238 -17.80 -13.58 3.99
CA ILE A 238 -16.75 -14.49 3.56
C ILE A 238 -16.55 -15.58 4.60
N ARG A 239 -16.43 -16.83 4.14
CA ARG A 239 -16.32 -17.96 5.05
C ARG A 239 -15.19 -17.74 6.04
N PRO A 240 -15.37 -18.12 7.30
CA PRO A 240 -14.36 -17.81 8.33
C PRO A 240 -13.10 -18.65 8.22
N ASP A 241 -13.08 -19.72 7.43
CA ASP A 241 -11.84 -20.46 7.26
C ASP A 241 -11.02 -19.96 6.07
N ARG A 242 -11.41 -18.83 5.49
CA ARG A 242 -10.59 -18.12 4.51
C ARG A 242 -9.20 -17.84 5.06
N GLN A 243 -8.27 -17.54 4.16
CA GLN A 243 -6.99 -16.95 4.56
C GLN A 243 -7.13 -15.43 4.49
N THR A 244 -6.68 -14.74 5.55
CA THR A 244 -6.78 -13.28 5.65
C THR A 244 -5.38 -12.71 5.82
N LEU A 245 -5.04 -11.73 4.98
CA LEU A 245 -3.71 -11.13 4.96
C LEU A 245 -3.86 -9.63 4.97
N MET A 246 -3.25 -8.96 5.96
CA MET A 246 -3.33 -7.51 6.11
C MET A 246 -1.94 -6.90 5.96
N TRP A 247 -1.87 -5.72 5.35
CA TRP A 247 -0.60 -5.10 5.00
C TRP A 247 -0.63 -3.60 5.23
N SER A 248 0.46 -3.05 5.75
CA SER A 248 0.55 -1.60 5.88
C SER A 248 1.98 -1.24 6.26
N ALA A 249 2.33 0.02 6.06
CA ALA A 249 3.56 0.53 6.62
C ALA A 249 3.38 0.97 8.07
N THR A 250 2.15 1.05 8.57
CA THR A 250 1.91 1.54 9.92
C THR A 250 0.87 0.64 10.60
N TRP A 251 1.02 0.48 11.92
CA TRP A 251 0.14 -0.42 12.68
C TRP A 251 -0.09 0.19 14.06
N PRO A 252 -0.88 1.26 14.12
CA PRO A 252 -1.06 1.97 15.40
C PRO A 252 -1.84 1.13 16.40
N LYS A 253 -1.63 1.45 17.68
CA LYS A 253 -2.24 0.65 18.75
C LYS A 253 -3.75 0.56 18.60
N GLU A 254 -4.38 1.61 18.08
CA GLU A 254 -5.84 1.65 18.10
C GLU A 254 -6.50 0.60 17.21
N VAL A 255 -5.81 0.07 16.20
CA VAL A 255 -6.43 -0.93 15.32
C VAL A 255 -6.05 -2.36 15.66
N ARG A 256 -5.15 -2.59 16.61
CA ARG A 256 -4.50 -3.89 16.77
C ARG A 256 -5.46 -4.96 17.28
N GLN A 257 -6.21 -4.67 18.35
CA GLN A 257 -7.14 -5.70 18.85
C GLN A 257 -8.33 -5.84 17.92
N LEU A 258 -8.73 -4.74 17.29
CA LEU A 258 -9.80 -4.78 16.30
C LEU A 258 -9.44 -5.69 15.13
N ALA A 259 -8.19 -5.64 14.68
CA ALA A 259 -7.79 -6.46 13.54
C ALA A 259 -7.98 -7.95 13.83
N GLU A 260 -7.82 -8.35 15.09
CA GLU A 260 -7.97 -9.75 15.47
C GLU A 260 -9.41 -10.24 15.27
N ASP A 261 -10.39 -9.34 15.14
CA ASP A 261 -11.75 -9.76 14.82
C ASP A 261 -11.82 -10.45 13.47
N PHE A 262 -10.85 -10.19 12.58
CA PHE A 262 -10.89 -10.69 11.21
C PHE A 262 -9.80 -11.71 10.93
N LEU A 263 -9.05 -12.10 11.95
CA LEU A 263 -7.91 -13.00 11.82
C LEU A 263 -8.08 -14.22 12.72
N ARG A 264 -7.48 -15.34 12.28
CA ARG A 264 -7.45 -16.59 13.04
C ARG A 264 -6.03 -17.15 13.02
N ASP A 265 -5.48 -17.41 14.20
CA ASP A 265 -4.14 -18.01 14.33
C ASP A 265 -3.14 -17.35 13.38
N TYR A 266 -3.00 -16.05 13.54
CA TYR A 266 -2.18 -15.29 12.61
C TYR A 266 -0.74 -15.09 13.12
N THR A 267 0.12 -14.72 12.18
CA THR A 267 1.49 -14.33 12.44
C THR A 267 1.65 -12.88 12.01
N GLN A 268 2.33 -12.07 12.80
CA GLN A 268 2.63 -10.70 12.40
C GLN A 268 4.11 -10.59 12.04
N ILE A 269 4.39 -10.04 10.85
CA ILE A 269 5.76 -9.75 10.42
C ILE A 269 5.98 -8.27 10.56
N ASN A 270 7.12 -7.87 11.10
CA ASN A 270 7.57 -6.49 10.97
C ASN A 270 8.92 -6.45 10.30
N VAL A 271 9.16 -5.40 9.52
CA VAL A 271 10.49 -5.10 9.02
C VAL A 271 10.93 -3.79 9.66
N GLY A 272 12.11 -3.80 10.27
CA GLY A 272 12.61 -2.60 10.92
C GLY A 272 11.99 -2.42 12.30
N ASN A 273 12.03 -1.17 12.76
CA ASN A 273 11.59 -0.84 14.11
C ASN A 273 10.14 -1.22 14.32
N LEU A 274 9.82 -1.70 15.52
CA LEU A 274 8.43 -2.07 15.80
C LEU A 274 7.55 -0.85 16.08
N GLU A 275 8.15 0.27 16.44
CA GLU A 275 7.38 1.49 16.61
C GLU A 275 7.21 2.19 15.26
N LEU A 276 6.41 3.25 15.26
CA LEU A 276 6.18 4.00 14.04
C LEU A 276 7.51 4.43 13.42
N SER A 277 7.67 4.19 12.13
CA SER A 277 8.93 4.53 11.50
C SER A 277 8.74 4.75 10.01
N ALA A 278 9.57 5.64 9.48
CA ALA A 278 9.55 5.98 8.06
C ALA A 278 10.58 5.15 7.31
N ASN A 279 10.48 5.19 5.99
CA ASN A 279 11.51 4.61 5.14
C ASN A 279 12.81 5.40 5.32
N HIS A 280 13.90 4.70 5.66
CA HIS A 280 15.17 5.39 5.92
C HIS A 280 15.85 5.93 4.66
N ASN A 281 15.35 5.60 3.47
CA ASN A 281 15.90 6.21 2.26
C ASN A 281 15.38 7.62 2.00
N ILE A 282 14.54 8.16 2.88
CA ILE A 282 14.00 9.50 2.70
C ILE A 282 14.84 10.48 3.50
N LEU A 283 15.35 11.51 2.85
CA LEU A 283 15.88 12.66 3.57
C LEU A 283 14.71 13.51 4.08
N GLN A 284 14.56 13.62 5.40
CA GLN A 284 13.41 14.32 5.99
C GLN A 284 13.84 15.68 6.50
N ILE A 285 13.25 16.74 5.93
CA ILE A 285 13.52 18.11 6.33
C ILE A 285 12.25 18.69 6.93
N VAL A 286 12.38 19.35 8.09
CA VAL A 286 11.25 20.00 8.74
C VAL A 286 11.59 21.47 8.92
N ASP A 287 10.74 22.33 8.38
CA ASP A 287 10.87 23.78 8.46
C ASP A 287 9.79 24.27 9.41
N VAL A 288 10.19 24.80 10.56
CA VAL A 288 9.26 25.33 11.54
C VAL A 288 8.99 26.78 11.18
N CYS A 289 7.73 27.10 10.85
CA CYS A 289 7.40 28.45 10.40
C CYS A 289 5.98 28.79 10.82
N MET A 290 5.59 30.04 10.58
CA MET A 290 4.22 30.46 10.80
C MET A 290 3.38 30.14 9.58
N GLU A 291 2.08 29.95 9.81
CA GLU A 291 1.16 29.70 8.70
C GLU A 291 1.29 30.76 7.60
N SER A 292 1.46 32.02 7.99
CA SER A 292 1.53 33.09 6.99
C SER A 292 2.77 33.01 6.12
N GLU A 293 3.80 32.27 6.55
CA GLU A 293 5.04 32.16 5.80
C GLU A 293 5.06 31.01 4.80
N LYS A 294 4.06 30.12 4.84
CA LYS A 294 4.11 28.90 4.04
C LYS A 294 4.16 29.20 2.54
N ASP A 295 3.33 30.12 2.06
CA ASP A 295 3.26 30.32 0.61
C ASP A 295 4.57 30.88 0.07
N HIS A 296 5.17 31.85 0.77
CA HIS A 296 6.45 32.38 0.32
C HIS A 296 7.53 31.31 0.35
N LYS A 297 7.55 30.49 1.39
CA LYS A 297 8.55 29.44 1.49
C LYS A 297 8.31 28.34 0.46
N LEU A 298 7.05 28.10 0.07
CA LEU A 298 6.80 27.12 -0.99
C LEU A 298 7.37 27.61 -2.32
N ILE A 299 7.18 28.89 -2.63
CA ILE A 299 7.70 29.44 -3.88
C ILE A 299 9.21 29.32 -3.91
N GLN A 300 9.87 29.67 -2.80
CA GLN A 300 11.32 29.52 -2.71
C GLN A 300 11.73 28.08 -2.99
N LEU A 301 11.07 27.13 -2.32
CA LEU A 301 11.39 25.71 -2.49
C LEU A 301 11.14 25.25 -3.92
N MET A 302 10.00 25.61 -4.50
CA MET A 302 9.72 25.18 -5.87
C MET A 302 10.71 25.79 -6.86
N GLU A 303 11.21 26.99 -6.59
CA GLU A 303 12.22 27.59 -7.46
C GLU A 303 13.49 26.74 -7.47
N GLU A 304 13.85 26.16 -6.32
CA GLU A 304 15.02 25.29 -6.29
C GLU A 304 14.73 23.93 -6.91
N ILE A 305 13.54 23.38 -6.66
CA ILE A 305 13.21 22.04 -7.14
C ILE A 305 13.12 22.02 -8.66
N MET A 306 12.41 22.99 -9.23
CA MET A 306 12.11 22.93 -10.66
C MET A 306 13.31 23.24 -11.55
N ALA A 307 14.45 23.63 -10.97
CA ALA A 307 15.68 23.81 -11.72
C ALA A 307 16.51 22.53 -11.80
N GLU A 308 16.03 21.42 -11.27
CA GLU A 308 16.74 20.15 -11.24
C GLU A 308 16.28 19.26 -12.39
N LYS A 309 17.08 18.24 -12.75
CA LYS A 309 16.71 17.40 -13.89
C LYS A 309 15.35 16.74 -13.67
N GLU A 310 15.25 15.84 -12.69
CA GLU A 310 13.98 15.24 -12.32
C GLU A 310 13.38 16.02 -11.15
N ASN A 311 12.20 16.58 -11.35
CA ASN A 311 11.62 17.46 -10.34
C ASN A 311 10.22 17.01 -9.92
N LYS A 312 9.85 15.77 -10.17
CA LYS A 312 8.50 15.32 -9.84
C LYS A 312 8.23 15.46 -8.35
N THR A 313 7.15 16.18 -8.02
CA THR A 313 6.88 16.62 -6.65
C THR A 313 5.41 16.45 -6.31
N ILE A 314 5.13 15.94 -5.12
CA ILE A 314 3.77 15.92 -4.57
C ILE A 314 3.70 16.86 -3.40
N ILE A 315 2.67 17.71 -3.37
CA ILE A 315 2.44 18.65 -2.29
C ILE A 315 1.14 18.26 -1.61
N PHE A 316 1.20 17.94 -0.31
CA PHE A 316 0.04 17.51 0.45
C PHE A 316 -0.53 18.66 1.28
N VAL A 317 -1.86 18.78 1.27
CA VAL A 317 -2.59 19.77 2.05
C VAL A 317 -3.71 19.10 2.81
N GLU A 318 -4.32 19.84 3.75
CA GLU A 318 -5.23 19.23 4.72
C GLU A 318 -6.66 19.08 4.20
N THR A 319 -7.13 19.98 3.34
CA THR A 319 -8.52 19.93 2.91
C THR A 319 -8.63 20.05 1.40
N LYS A 320 -9.76 19.58 0.89
CA LYS A 320 -10.09 19.74 -0.52
C LYS A 320 -10.09 21.21 -0.92
N ARG A 321 -10.66 22.09 -0.08
CA ARG A 321 -10.67 23.51 -0.40
C ARG A 321 -9.26 24.08 -0.51
N ARG A 322 -8.36 23.71 0.41
CA ARG A 322 -7.00 24.21 0.34
C ARG A 322 -6.28 23.63 -0.86
N CYS A 323 -6.62 22.41 -1.25
CA CYS A 323 -6.05 21.82 -2.44
C CYS A 323 -6.41 22.64 -3.69
N ASP A 324 -7.70 22.97 -3.85
CA ASP A 324 -8.13 23.80 -4.96
C ASP A 324 -7.46 25.17 -4.94
N ASP A 325 -7.45 25.82 -3.77
CA ASP A 325 -6.93 27.18 -3.66
C ASP A 325 -5.45 27.25 -3.98
N LEU A 326 -4.66 26.30 -3.46
CA LEU A 326 -3.24 26.31 -3.74
C LEU A 326 -2.97 26.04 -5.22
N THR A 327 -3.70 25.09 -5.81
CA THR A 327 -3.46 24.78 -7.22
C THR A 327 -3.78 25.97 -8.10
N ARG A 328 -4.91 26.62 -7.84
CA ARG A 328 -5.27 27.84 -8.57
C ARG A 328 -4.17 28.88 -8.46
N ARG A 329 -3.68 29.12 -7.24
CA ARG A 329 -2.63 30.13 -7.07
C ARG A 329 -1.34 29.71 -7.78
N MET A 330 -0.97 28.42 -7.71
CA MET A 330 0.27 28.00 -8.35
C MET A 330 0.16 28.06 -9.88
N ARG A 331 -0.98 27.68 -10.42
CA ARG A 331 -1.13 27.71 -11.87
C ARG A 331 -1.11 29.16 -12.38
N ARG A 332 -1.72 30.08 -11.64
CA ARG A 332 -1.66 31.48 -12.06
C ARG A 332 -0.24 32.01 -12.02
N ASP A 333 0.56 31.57 -11.06
CA ASP A 333 1.96 31.94 -10.98
C ASP A 333 2.82 31.18 -11.99
N GLY A 334 2.24 30.32 -12.81
CA GLY A 334 2.95 29.67 -13.88
C GLY A 334 3.51 28.29 -13.59
N TRP A 335 3.17 27.70 -12.45
CA TRP A 335 3.72 26.39 -12.13
C TRP A 335 2.87 25.30 -12.76
N PRO A 336 3.49 24.25 -13.33
CA PRO A 336 2.69 23.18 -13.96
C PRO A 336 2.17 22.19 -12.94
N ALA A 337 1.17 22.63 -12.18
CA ALA A 337 0.61 21.90 -11.06
C ALA A 337 -0.84 21.53 -11.33
N MET A 338 -1.25 20.35 -10.87
CA MET A 338 -2.65 19.96 -10.93
C MET A 338 -3.00 19.30 -9.61
N CYS A 339 -4.28 19.23 -9.31
CA CYS A 339 -4.63 18.68 -8.01
C CYS A 339 -5.55 17.48 -8.13
N ILE A 340 -5.53 16.65 -7.10
CA ILE A 340 -6.39 15.49 -7.01
C ILE A 340 -7.02 15.50 -5.63
N HIS A 341 -8.34 15.35 -5.57
CA HIS A 341 -9.02 15.17 -4.29
C HIS A 341 -10.39 14.59 -4.55
N GLY A 342 -11.09 14.26 -3.47
CA GLY A 342 -12.34 13.52 -3.55
C GLY A 342 -13.51 14.29 -4.09
N ASP A 343 -13.41 15.59 -4.30
CA ASP A 343 -14.51 16.32 -4.93
C ASP A 343 -14.32 16.45 -6.43
N LYS A 344 -13.23 15.94 -6.97
CA LYS A 344 -13.08 15.86 -8.42
C LYS A 344 -13.77 14.60 -8.93
N SER A 345 -14.23 14.65 -10.17
CA SER A 345 -14.85 13.47 -10.75
C SER A 345 -13.80 12.39 -10.89
N GLN A 346 -14.23 11.13 -10.90
CA GLN A 346 -13.25 10.07 -11.06
C GLN A 346 -12.51 10.15 -12.39
N PRO A 347 -13.14 10.48 -13.53
CA PRO A 347 -12.32 10.72 -14.74
C PRO A 347 -11.26 11.78 -14.56
N GLU A 348 -11.57 12.86 -13.85
CA GLU A 348 -10.58 13.91 -13.62
C GLU A 348 -9.48 13.42 -12.66
N ARG A 349 -9.85 12.65 -11.64
CA ARG A 349 -8.85 12.09 -10.74
C ARG A 349 -7.87 11.20 -11.51
N ASP A 350 -8.39 10.30 -12.34
CA ASP A 350 -7.50 9.42 -13.08
C ASP A 350 -6.66 10.20 -14.08
N TRP A 351 -7.27 11.19 -14.73
CA TRP A 351 -6.56 12.00 -15.72
C TRP A 351 -5.37 12.71 -15.09
N VAL A 352 -5.60 13.35 -13.93
CA VAL A 352 -4.52 14.09 -13.26
C VAL A 352 -3.43 13.13 -12.83
N LEU A 353 -3.80 11.98 -12.25
CA LEU A 353 -2.77 11.07 -11.79
C LEU A 353 -1.97 10.51 -12.96
N ASN A 354 -2.63 10.25 -14.09
CA ASN A 354 -1.90 9.75 -15.25
C ASN A 354 -0.97 10.82 -15.82
N GLU A 355 -1.38 12.09 -15.80
CA GLU A 355 -0.46 13.16 -16.22
C GLU A 355 0.72 13.28 -15.27
N PHE A 356 0.49 13.05 -13.98
CA PHE A 356 1.60 13.02 -13.03
C PHE A 356 2.51 11.82 -13.27
N ARG A 357 1.92 10.65 -13.51
CA ARG A 357 2.72 9.46 -13.81
C ARG A 357 3.58 9.65 -15.05
N SER A 358 3.03 10.29 -16.09
CA SER A 358 3.78 10.48 -17.33
C SER A 358 4.77 11.62 -17.26
N GLY A 359 4.72 12.45 -16.22
CA GLY A 359 5.59 13.59 -16.12
C GLY A 359 5.10 14.82 -16.84
N LYS A 360 3.94 14.76 -17.49
CA LYS A 360 3.47 15.94 -18.21
C LYS A 360 3.02 17.03 -17.23
N ALA A 361 2.47 16.65 -16.09
CA ALA A 361 2.24 17.58 -14.99
C ALA A 361 3.12 17.14 -13.82
N PRO A 362 4.30 17.75 -13.62
CA PRO A 362 5.25 17.21 -12.66
C PRO A 362 5.02 17.66 -11.22
N ILE A 363 4.01 18.48 -10.96
CA ILE A 363 3.66 18.87 -9.61
C ILE A 363 2.24 18.41 -9.36
N LEU A 364 2.05 17.58 -8.35
CA LEU A 364 0.73 17.12 -7.94
C LEU A 364 0.40 17.70 -6.57
N ILE A 365 -0.74 18.35 -6.46
CA ILE A 365 -1.24 18.86 -5.20
C ILE A 365 -2.39 17.95 -4.79
N ALA A 366 -2.38 17.49 -3.54
CA ALA A 366 -3.26 16.40 -3.16
C ALA A 366 -3.68 16.52 -1.70
N THR A 367 -4.89 16.04 -1.41
CA THR A 367 -5.27 15.65 -0.06
C THR A 367 -4.67 14.27 0.25
N ASP A 368 -5.03 13.72 1.41
CA ASP A 368 -4.66 12.35 1.79
C ASP A 368 -5.20 11.29 0.84
N VAL A 369 -6.04 11.65 -0.13
CA VAL A 369 -6.45 10.68 -1.14
C VAL A 369 -5.22 10.07 -1.82
N ALA A 370 -4.10 10.80 -1.89
CA ALA A 370 -2.89 10.30 -2.54
C ALA A 370 -1.80 9.93 -1.55
N SER A 371 -2.12 9.86 -0.25
CA SER A 371 -1.08 9.63 0.75
C SER A 371 -0.68 8.16 0.86
N ARG A 372 -1.55 7.21 0.50
CA ARG A 372 -1.23 5.81 0.74
C ARG A 372 -1.14 5.03 -0.56
N GLY A 373 -0.11 4.19 -0.63
CA GLY A 373 -0.06 3.09 -1.57
C GLY A 373 0.38 3.43 -2.97
N LEU A 374 0.07 4.64 -3.44
CA LEU A 374 0.37 5.01 -4.83
C LEU A 374 1.87 4.90 -5.08
N ASP A 375 2.21 4.28 -6.21
CA ASP A 375 3.60 3.99 -6.59
C ASP A 375 3.85 4.67 -7.93
N VAL A 376 4.39 5.88 -7.88
CA VAL A 376 4.59 6.70 -9.06
C VAL A 376 6.08 6.76 -9.34
N GLU A 377 6.46 6.53 -10.59
CA GLU A 377 7.87 6.51 -10.94
C GLU A 377 8.52 7.88 -10.73
N ASP A 378 9.65 7.89 -10.05
CA ASP A 378 10.56 9.02 -10.04
C ASP A 378 9.99 10.24 -9.32
N VAL A 379 9.16 10.02 -8.30
CA VAL A 379 8.84 11.13 -7.41
C VAL A 379 10.09 11.43 -6.60
N LYS A 380 10.59 12.66 -6.70
CA LYS A 380 11.79 13.03 -6.00
C LYS A 380 11.54 13.84 -4.73
N PHE A 381 10.40 14.54 -4.64
CA PHE A 381 10.12 15.40 -3.50
C PHE A 381 8.68 15.22 -3.03
N VAL A 382 8.50 15.15 -1.72
CA VAL A 382 7.20 15.23 -1.08
C VAL A 382 7.22 16.45 -0.18
N ILE A 383 6.27 17.34 -0.37
CA ILE A 383 6.16 18.55 0.45
C ILE A 383 4.88 18.45 1.26
N ASN A 384 5.02 18.48 2.58
CA ASN A 384 3.85 18.61 3.44
C ASN A 384 3.62 20.10 3.64
N TYR A 385 2.76 20.68 2.80
CA TYR A 385 2.38 22.08 3.00
C TYR A 385 1.63 22.27 4.31
N ASP A 386 0.75 21.32 4.64
CA ASP A 386 0.09 21.21 5.94
C ASP A 386 0.56 19.93 6.60
N TYR A 387 0.95 20.00 7.87
CA TYR A 387 1.24 18.77 8.59
C TYR A 387 -0.04 17.94 8.69
N PRO A 388 0.03 16.62 8.52
CA PRO A 388 -1.20 15.80 8.50
C PRO A 388 -1.83 15.60 9.86
N ASN A 389 -2.96 14.88 9.87
CA ASN A 389 -3.73 14.68 11.09
C ASN A 389 -3.08 13.71 12.07
N SER A 390 -2.14 12.89 11.61
CA SER A 390 -1.48 11.92 12.48
C SER A 390 -0.06 11.71 11.98
N SER A 391 0.80 11.21 12.87
CA SER A 391 2.15 10.88 12.43
C SER A 391 2.15 9.64 11.54
N GLU A 392 1.16 8.76 11.67
CA GLU A 392 1.03 7.66 10.71
C GLU A 392 0.80 8.21 9.29
N ASP A 393 -0.05 9.22 9.15
CA ASP A 393 -0.27 9.83 7.84
C ASP A 393 1.01 10.46 7.31
N TYR A 394 1.80 11.07 8.20
CA TYR A 394 3.09 11.62 7.81
C TYR A 394 3.96 10.55 7.16
N VAL A 395 4.05 9.38 7.79
CA VAL A 395 4.92 8.30 7.30
C VAL A 395 4.45 7.83 5.93
N HIS A 396 3.13 7.71 5.73
CA HIS A 396 2.64 7.29 4.42
C HIS A 396 2.88 8.37 3.36
N ARG A 397 2.63 9.63 3.70
CA ARG A 397 2.80 10.72 2.74
C ARG A 397 4.23 10.78 2.23
N ILE A 398 5.20 10.81 3.15
CA ILE A 398 6.58 10.97 2.72
C ILE A 398 7.06 9.73 1.97
N GLY A 399 6.41 8.59 2.20
CA GLY A 399 6.72 7.38 1.46
C GLY A 399 6.30 7.38 0.00
N ARG A 400 5.68 8.45 -0.51
CA ARG A 400 5.45 8.50 -1.95
C ARG A 400 6.76 8.65 -2.73
N THR A 401 7.83 9.09 -2.06
CA THR A 401 9.15 9.12 -2.65
C THR A 401 10.00 8.00 -2.04
N ALA A 402 11.20 7.83 -2.58
CA ALA A 402 12.16 6.84 -2.09
C ALA A 402 11.57 5.44 -2.07
N ARG A 403 11.03 5.03 -3.20
CA ARG A 403 10.41 3.73 -3.35
C ARG A 403 11.38 2.79 -4.07
N SER A 404 11.25 1.49 -3.77
CA SER A 404 12.20 0.50 -4.29
C SER A 404 13.63 0.94 -3.92
N THR A 405 14.58 0.78 -4.84
CA THR A 405 15.96 1.15 -4.50
C THR A 405 16.27 2.59 -4.90
N ASN A 406 15.43 3.52 -4.47
CA ASN A 406 15.60 4.92 -4.75
C ASN A 406 15.61 5.71 -3.44
N LYS A 407 16.28 6.84 -3.47
CA LYS A 407 16.21 7.81 -2.40
C LYS A 407 15.29 8.97 -2.81
N GLY A 408 14.95 9.79 -1.84
CA GLY A 408 14.14 10.97 -2.12
C GLY A 408 14.13 11.89 -0.93
N THR A 409 13.45 13.02 -1.07
CA THR A 409 13.44 14.08 -0.08
C THR A 409 12.02 14.47 0.30
N ALA A 410 11.81 14.69 1.58
CA ALA A 410 10.55 15.20 2.10
C ALA A 410 10.81 16.51 2.83
N TYR A 411 9.94 17.49 2.62
CA TYR A 411 10.08 18.81 3.20
C TYR A 411 8.75 19.16 3.84
N THR A 412 8.75 19.43 5.14
CA THR A 412 7.51 19.63 5.90
C THR A 412 7.49 21.01 6.52
N PHE A 413 6.38 21.72 6.35
CA PHE A 413 6.12 22.97 7.05
C PHE A 413 5.40 22.65 8.34
N PHE A 414 6.02 22.96 9.47
CA PHE A 414 5.48 22.67 10.78
C PHE A 414 5.25 23.99 11.50
N THR A 415 4.01 24.25 11.91
CA THR A 415 3.67 25.50 12.58
C THR A 415 3.45 25.27 14.06
N PRO A 416 3.52 26.32 14.88
CA PRO A 416 3.12 26.19 16.29
C PRO A 416 1.74 25.60 16.48
N GLY A 417 0.82 25.84 15.55
CA GLY A 417 -0.46 25.16 15.59
C GLY A 417 -0.36 23.64 15.50
N ASN A 418 0.77 23.11 15.04
CA ASN A 418 0.95 21.66 14.97
C ASN A 418 1.61 21.08 16.22
N LEU A 419 1.78 21.88 17.28
CA LEU A 419 2.62 21.50 18.42
C LEU A 419 2.31 20.11 18.98
N LYS A 420 1.03 19.73 19.04
CA LYS A 420 0.68 18.47 19.67
C LYS A 420 1.26 17.27 18.93
N GLN A 421 1.67 17.44 17.69
CA GLN A 421 2.27 16.36 16.92
C GLN A 421 3.78 16.36 16.99
N ALA A 422 4.39 17.33 17.67
CA ALA A 422 5.83 17.52 17.60
C ALA A 422 6.59 16.34 18.20
N ARG A 423 6.12 15.84 19.33
CA ARG A 423 6.84 14.75 20.01
C ARG A 423 6.90 13.50 19.14
N GLU A 424 5.78 13.12 18.53
CA GLU A 424 5.77 11.91 17.69
C GLU A 424 6.60 12.13 16.44
N LEU A 425 6.57 13.34 15.89
CA LEU A 425 7.39 13.61 14.71
C LEU A 425 8.87 13.51 15.03
N ILE A 426 9.28 14.03 16.18
CA ILE A 426 10.68 13.94 16.56
C ILE A 426 11.13 12.50 16.73
N LYS A 427 10.26 11.65 17.30
CA LYS A 427 10.62 10.24 17.45
C LYS A 427 10.81 9.55 16.10
N VAL A 428 9.96 9.90 15.11
CA VAL A 428 10.12 9.33 13.77
C VAL A 428 11.44 9.80 13.16
N LEU A 429 11.73 11.09 13.31
CA LEU A 429 12.99 11.61 12.79
C LEU A 429 14.18 10.91 13.45
N GLU A 430 14.12 10.73 14.77
CA GLU A 430 15.23 10.08 15.46
C GLU A 430 15.39 8.64 15.04
N GLU A 431 14.28 7.92 14.86
CA GLU A 431 14.38 6.52 14.45
C GLU A 431 15.02 6.40 13.09
N ALA A 432 14.82 7.38 12.21
CA ALA A 432 15.38 7.36 10.86
C ALA A 432 16.74 8.06 10.78
N ASN A 433 17.36 8.36 11.92
CA ASN A 433 18.70 8.98 11.97
C ASN A 433 18.75 10.31 11.21
N GLN A 434 17.68 11.08 11.31
CA GLN A 434 17.59 12.36 10.64
C GLN A 434 18.05 13.47 11.58
N ALA A 435 18.57 14.53 10.98
CA ALA A 435 18.95 15.72 11.75
C ALA A 435 17.68 16.45 12.19
N ILE A 436 17.64 16.87 13.44
CA ILE A 436 16.45 17.49 14.01
C ILE A 436 16.66 19.00 13.99
N ASN A 437 15.76 19.70 13.31
CA ASN A 437 15.71 21.16 13.36
C ASN A 437 15.66 21.61 14.82
N PRO A 438 16.59 22.47 15.26
CA PRO A 438 16.54 22.94 16.65
C PRO A 438 15.24 23.64 17.01
N LYS A 439 14.62 24.34 16.06
CA LYS A 439 13.34 24.98 16.33
C LYS A 439 12.24 23.96 16.59
N LEU A 440 12.34 22.77 15.98
CA LEU A 440 11.36 21.72 16.27
C LEU A 440 11.57 21.16 17.66
N MET A 441 12.82 20.83 18.00
CA MET A 441 13.10 20.28 19.33
C MET A 441 12.75 21.28 20.41
N GLN A 442 12.89 22.59 20.13
CA GLN A 442 12.51 23.63 21.08
C GLN A 442 11.04 23.54 21.45
N LEU A 443 10.21 22.98 20.57
CA LEU A 443 8.79 22.85 20.86
C LEU A 443 8.58 21.63 21.76
PB ADP C . 4.57 -0.97 -0.73
O1B ADP C . 4.45 0.51 -0.36
O2B ADP C . 5.43 -1.78 0.17
O3B ADP C . 3.22 -1.59 -1.01
PA ADP C . 4.92 -1.48 -3.59
O1A ADP C . 4.37 -2.87 -3.60
O2A ADP C . 4.10 -0.39 -4.22
O3A ADP C . 5.39 -1.01 -2.13
O5' ADP C . 6.34 -1.54 -4.35
C5' ADP C . 7.15 -0.35 -4.51
C4' ADP C . 8.02 -0.55 -5.73
O4' ADP C . 8.98 -1.58 -5.43
C3' ADP C . 7.23 -1.03 -6.94
O3' ADP C . 7.66 -0.25 -8.08
C2' ADP C . 7.67 -2.48 -7.12
O2' ADP C . 7.69 -2.84 -8.50
C1' ADP C . 9.08 -2.42 -6.54
N9 ADP C . 9.49 -3.77 -6.07
C8 ADP C . 8.68 -4.79 -5.76
N7 ADP C . 9.42 -5.86 -5.36
C5 ADP C . 10.73 -5.52 -5.47
C6 ADP C . 12.03 -6.17 -5.22
N6 ADP C . 12.08 -7.45 -4.79
N1 ADP C . 13.15 -5.47 -5.43
C2 ADP C . 13.11 -4.18 -5.86
N3 ADP C . 11.97 -3.52 -6.11
C4 ADP C . 10.77 -4.13 -5.93
BE BEF D . 3.43 1.21 0.32
F1 BEF D . 1.99 0.86 -0.08
F2 BEF D . 3.65 2.75 0.08
F3 BEF D . 3.47 1.15 1.88
MG MG E . 1.36 -0.77 -0.92
#